data_3DWA
#
_entry.id   3DWA
#
_cell.length_a   97.63
_cell.length_b   97.63
_cell.length_c   165.36
_cell.angle_alpha   90.00
_cell.angle_beta   90.00
_cell.angle_gamma   120.00
#
_symmetry.space_group_name_H-M   'P 65'
#
loop_
_entity.id
_entity.type
_entity.pdbx_description
1 polymer 'Subtilase cytotoxin, subunit B'
2 non-polymer 'PENTAETHYLENE GLYCOL'
3 water water
#
_entity_poly.entity_id   1
_entity_poly.type   'polypeptide(L)'
_entity_poly.pdbx_seq_one_letter_code
;EWTGDARDG(MSE)FSGVVITQFHTGQIDNKPYFCIEGKQSAGSSISACS(MSE)KNSSVWGASFSTLYNQALYFYTTGQ
PVRIYYEPGVWTYPPFVKALTSNALVGLSTCTTSTECFGPDRKKNSLEHHHHHH
;
_entity_poly.pdbx_strand_id   A,B,C,D,E
#
# COMPACT_ATOMS: atom_id res chain seq x y z
N GLU A 1 -20.29 -18.56 -5.74
CA GLU A 1 -20.98 -17.24 -5.55
C GLU A 1 -20.33 -16.26 -6.50
N TRP A 2 -20.99 -15.13 -6.76
CA TRP A 2 -20.41 -14.06 -7.61
C TRP A 2 -21.03 -12.76 -7.20
N THR A 3 -20.22 -11.70 -7.11
CA THR A 3 -20.77 -10.32 -6.99
C THR A 3 -22.01 -10.03 -7.85
N GLY A 4 -22.03 -10.44 -9.11
CA GLY A 4 -23.14 -10.14 -10.00
C GLY A 4 -24.24 -11.19 -10.08
N ASP A 5 -24.32 -12.09 -9.10
CA ASP A 5 -25.52 -12.97 -8.97
C ASP A 5 -26.80 -12.15 -8.97
N ALA A 6 -27.89 -12.75 -9.44
CA ALA A 6 -29.21 -12.18 -9.41
C ALA A 6 -29.83 -12.35 -8.03
N ARG A 7 -29.41 -11.45 -7.12
CA ARG A 7 -29.71 -11.49 -5.67
C ARG A 7 -29.76 -10.04 -5.16
N ASP A 8 -30.40 -9.80 -4.02
CA ASP A 8 -30.24 -8.49 -3.32
C ASP A 8 -28.78 -8.40 -2.93
N GLY A 9 -28.13 -7.25 -3.13
CA GLY A 9 -28.61 -6.15 -3.93
C GLY A 9 -27.47 -5.17 -4.23
N PHE A 11 -26.75 -0.64 -4.55
CA PHE A 11 -27.20 0.76 -4.60
C PHE A 11 -26.20 1.55 -5.39
N SER A 12 -26.69 2.30 -6.38
CA SER A 12 -25.85 3.01 -7.36
C SER A 12 -25.82 4.51 -7.09
N GLY A 13 -24.72 5.18 -7.43
CA GLY A 13 -24.65 6.64 -7.24
C GLY A 13 -24.54 7.04 -5.77
N VAL A 14 -23.94 6.17 -4.96
CA VAL A 14 -23.73 6.45 -3.54
C VAL A 14 -22.38 7.12 -3.20
N VAL A 15 -22.41 8.21 -2.45
CA VAL A 15 -21.20 8.74 -1.88
C VAL A 15 -20.87 8.08 -0.53
N ILE A 16 -19.65 7.56 -0.37
CA ILE A 16 -19.25 6.90 0.88
C ILE A 16 -18.88 7.96 1.89
N THR A 17 -19.69 8.16 2.94
CA THR A 17 -19.44 9.28 3.84
C THR A 17 -19.00 8.93 5.24
N GLN A 18 -19.07 7.66 5.59
CA GLN A 18 -18.66 7.22 6.92
C GLN A 18 -17.88 5.94 6.78
N PHE A 19 -16.97 5.72 7.73
CA PHE A 19 -16.01 4.63 7.69
C PHE A 19 -15.68 4.24 9.13
N HIS A 20 -15.72 2.94 9.41
CA HIS A 20 -15.40 2.41 10.72
C HIS A 20 -14.58 1.17 10.51
N THR A 21 -13.55 1.00 11.33
CA THR A 21 -12.78 -0.23 11.36
C THR A 21 -12.70 -0.80 12.79
N GLY A 22 -12.73 -2.12 12.91
CA GLY A 22 -12.66 -2.73 14.25
C GLY A 22 -12.20 -4.16 14.14
N GLN A 23 -12.40 -4.91 15.22
CA GLN A 23 -12.10 -6.34 15.23
C GLN A 23 -13.24 -7.09 15.91
N ILE A 24 -13.53 -8.29 15.43
CA ILE A 24 -14.45 -9.21 16.15
C ILE A 24 -13.91 -10.67 15.97
N ASP A 25 -13.82 -11.44 17.05
CA ASP A 25 -13.41 -12.85 16.95
C ASP A 25 -12.14 -13.05 16.20
N ASN A 26 -11.14 -12.24 16.57
CA ASN A 26 -9.80 -12.33 16.03
C ASN A 26 -9.64 -11.98 14.55
N LYS A 27 -10.61 -11.28 14.00
CA LYS A 27 -10.58 -10.89 12.57
C LYS A 27 -10.83 -9.38 12.49
N PRO A 28 -9.98 -8.62 11.77
CA PRO A 28 -10.36 -7.23 11.50
C PRO A 28 -11.56 -7.15 10.53
N TYR A 29 -12.32 -6.07 10.65
CA TYR A 29 -13.45 -5.81 9.74
C TYR A 29 -13.47 -4.31 9.46
N PHE A 30 -14.09 -3.92 8.36
CA PHE A 30 -14.46 -2.51 8.21
C PHE A 30 -15.92 -2.36 7.75
N CYS A 31 -16.48 -1.19 7.96
CA CYS A 31 -17.82 -0.88 7.49
C CYS A 31 -17.89 0.50 6.88
N ILE A 32 -18.74 0.65 5.88
CA ILE A 32 -18.90 1.94 5.21
C ILE A 32 -20.38 2.28 5.19
N GLU A 33 -20.69 3.57 5.11
CA GLU A 33 -22.06 4.02 4.99
C GLU A 33 -22.08 5.12 3.96
N GLY A 34 -23.15 5.14 3.18
CA GLY A 34 -23.32 6.20 2.21
C GLY A 34 -24.76 6.50 1.87
N LYS A 35 -25.00 7.65 1.26
CA LYS A 35 -26.34 8.01 0.79
C LYS A 35 -26.34 8.27 -0.71
N GLN A 36 -27.41 7.83 -1.34
CA GLN A 36 -27.79 8.28 -2.67
C GLN A 36 -28.26 9.73 -2.64
N SER A 37 -28.57 10.27 -3.83
CA SER A 37 -29.38 11.51 -3.96
C SER A 37 -30.75 11.34 -3.29
N ALA A 38 -31.34 10.15 -3.41
CA ALA A 38 -32.65 9.83 -2.82
C ALA A 38 -32.67 9.87 -1.27
N GLY A 39 -31.51 10.12 -0.66
CA GLY A 39 -31.39 10.11 0.80
C GLY A 39 -31.45 8.72 1.38
N SER A 40 -31.60 7.72 0.51
CA SER A 40 -31.46 6.28 0.84
C SER A 40 -30.04 5.92 1.31
N SER A 41 -29.93 5.60 2.60
CA SER A 41 -28.71 5.14 3.27
C SER A 41 -28.49 3.63 3.15
N ILE A 42 -27.25 3.22 2.95
CA ILE A 42 -26.85 1.81 2.91
C ILE A 42 -25.55 1.63 3.72
N SER A 43 -25.48 0.61 4.57
CA SER A 43 -24.24 0.24 5.26
C SER A 43 -23.89 -1.15 4.78
N ALA A 44 -22.59 -1.46 4.72
CA ALA A 44 -22.15 -2.85 4.50
C ALA A 44 -20.75 -2.99 5.09
N CYS A 45 -20.42 -4.20 5.56
CA CYS A 45 -19.19 -4.50 6.24
C CYS A 45 -18.45 -5.64 5.54
N SER A 46 -17.13 -5.60 5.60
CA SER A 46 -16.32 -6.65 5.04
C SER A 46 -15.44 -7.18 6.15
N LYS A 48 -12.19 -9.78 7.27
CA LYS A 48 -11.02 -10.52 6.81
C LYS A 48 -11.11 -12.00 7.10
N ASN A 49 -10.94 -12.83 6.06
CA ASN A 49 -10.95 -14.29 6.21
C ASN A 49 -12.29 -14.86 6.65
N SER A 50 -13.37 -14.11 6.43
CA SER A 50 -14.72 -14.61 6.74
C SER A 50 -15.12 -15.84 5.86
N SER A 51 -16.32 -16.38 6.08
CA SER A 51 -16.67 -17.57 5.32
C SER A 51 -16.77 -17.25 3.83
N VAL A 52 -17.80 -16.50 3.46
CA VAL A 52 -18.12 -16.39 2.04
C VAL A 52 -17.33 -15.28 1.35
N TRP A 53 -17.29 -14.09 1.93
CA TRP A 53 -16.72 -12.92 1.25
C TRP A 53 -15.38 -12.39 1.76
N GLY A 54 -14.71 -13.16 2.62
CA GLY A 54 -13.43 -12.74 3.20
C GLY A 54 -12.23 -12.67 2.25
N ALA A 55 -12.31 -13.38 1.13
CA ALA A 55 -11.21 -13.34 0.16
C ALA A 55 -11.02 -11.95 -0.45
N SER A 56 -12.08 -11.15 -0.36
CA SER A 56 -12.15 -9.82 -0.94
C SER A 56 -11.84 -8.69 0.05
N PHE A 57 -11.71 -9.01 1.32
CA PHE A 57 -11.44 -7.97 2.36
C PHE A 57 -10.40 -6.89 1.97
N SER A 58 -9.29 -7.35 1.43
CA SER A 58 -8.14 -6.52 1.24
C SER A 58 -8.36 -5.57 0.09
N THR A 59 -8.91 -6.09 -1.02
CA THR A 59 -9.25 -5.28 -2.21
C THR A 59 -10.33 -4.25 -1.89
N LEU A 60 -11.38 -4.70 -1.22
CA LEU A 60 -12.52 -3.86 -0.88
C LEU A 60 -12.16 -2.75 0.13
N TYR A 61 -11.27 -3.05 1.08
CA TYR A 61 -10.80 -2.04 2.00
C TYR A 61 -10.06 -0.93 1.28
N ASN A 62 -9.10 -1.33 0.43
CA ASN A 62 -8.34 -0.43 -0.43
C ASN A 62 -9.29 0.44 -1.28
N GLN A 63 -10.18 -0.21 -2.03
CA GLN A 63 -11.13 0.45 -2.91
C GLN A 63 -12.02 1.39 -2.11
N ALA A 64 -12.60 0.90 -1.02
CA ALA A 64 -13.52 1.70 -0.20
C ALA A 64 -12.88 2.95 0.38
N LEU A 65 -11.67 2.79 0.93
CA LEU A 65 -10.97 3.94 1.50
C LEU A 65 -10.60 4.94 0.40
N TYR A 66 -10.17 4.41 -0.76
CA TYR A 66 -9.96 5.22 -1.97
C TYR A 66 -11.22 6.06 -2.31
N PHE A 67 -12.37 5.40 -2.47
CA PHE A 67 -13.66 6.11 -2.76
C PHE A 67 -14.18 7.08 -1.67
N TYR A 68 -13.94 6.73 -0.40
CA TYR A 68 -14.23 7.64 0.71
C TYR A 68 -13.38 8.91 0.55
N THR A 69 -12.11 8.74 0.14
CA THR A 69 -11.20 9.84 -0.10
C THR A 69 -11.61 10.78 -1.27
N THR A 70 -11.93 10.23 -2.44
CA THR A 70 -12.31 11.07 -3.60
C THR A 70 -13.71 11.69 -3.45
N GLY A 71 -14.60 11.02 -2.71
CA GLY A 71 -15.99 11.43 -2.60
C GLY A 71 -16.81 11.21 -3.88
N GLN A 72 -16.30 10.41 -4.83
CA GLN A 72 -17.05 10.17 -6.08
C GLN A 72 -18.22 9.24 -5.77
N PRO A 73 -19.30 9.28 -6.61
CA PRO A 73 -20.45 8.40 -6.39
C PRO A 73 -20.12 7.03 -6.96
N VAL A 74 -20.47 5.95 -6.25
CA VAL A 74 -20.04 4.58 -6.59
C VAL A 74 -21.19 3.59 -6.46
N ARG A 75 -21.03 2.37 -6.96
CA ARG A 75 -22.03 1.34 -6.69
C ARG A 75 -21.60 0.48 -5.54
N ILE A 76 -22.48 0.30 -4.56
CA ILE A 76 -22.22 -0.60 -3.46
C ILE A 76 -23.03 -1.84 -3.74
N TYR A 77 -22.33 -2.97 -3.81
CA TYR A 77 -22.92 -4.27 -3.94
C TYR A 77 -22.86 -4.87 -2.56
N TYR A 78 -23.98 -5.43 -2.11
CA TYR A 78 -24.08 -6.02 -0.77
C TYR A 78 -24.87 -7.34 -0.80
N GLU A 79 -24.69 -8.12 0.25
CA GLU A 79 -25.56 -9.28 0.50
C GLU A 79 -26.14 -9.14 1.90
N PRO A 80 -27.45 -8.93 2.03
CA PRO A 80 -28.03 -8.87 3.37
C PRO A 80 -27.99 -10.20 4.15
N GLY A 81 -28.10 -10.12 5.47
CA GLY A 81 -28.16 -11.29 6.36
C GLY A 81 -26.91 -12.11 6.55
N VAL A 82 -25.74 -11.54 6.28
CA VAL A 82 -24.51 -12.29 6.42
C VAL A 82 -23.98 -12.30 7.88
N TRP A 83 -23.89 -11.12 8.50
CA TRP A 83 -23.36 -11.03 9.88
C TRP A 83 -24.49 -11.32 10.88
N THR A 84 -24.18 -12.08 11.92
CA THR A 84 -25.24 -12.64 12.79
C THR A 84 -25.11 -12.44 14.28
N TYR A 85 -23.99 -11.92 14.76
CA TYR A 85 -23.85 -11.65 16.16
C TYR A 85 -24.80 -10.47 16.40
N PRO A 86 -25.86 -10.68 17.23
CA PRO A 86 -26.91 -9.66 17.35
C PRO A 86 -26.48 -8.25 17.77
N PRO A 87 -25.56 -8.12 18.74
CA PRO A 87 -25.13 -6.74 19.03
C PRO A 87 -24.43 -6.05 17.82
N PHE A 88 -23.70 -6.80 17.03
CA PHE A 88 -23.05 -6.33 15.80
C PHE A 88 -24.08 -5.87 14.74
N VAL A 89 -25.08 -6.71 14.50
CA VAL A 89 -26.13 -6.42 13.55
C VAL A 89 -26.88 -5.15 13.97
N LYS A 90 -27.19 -5.05 15.27
CA LYS A 90 -27.87 -3.93 15.84
C LYS A 90 -27.12 -2.60 15.71
N ALA A 91 -25.81 -2.57 16.05
CA ALA A 91 -25.01 -1.31 15.90
C ALA A 91 -24.58 -0.98 14.48
N LEU A 92 -24.44 -2.00 13.65
CA LEU A 92 -23.92 -1.82 12.30
C LEU A 92 -24.92 -2.35 11.28
N THR A 93 -24.71 -3.57 10.78
CA THR A 93 -25.61 -4.07 9.76
C THR A 93 -25.36 -5.55 9.62
N SER A 94 -26.31 -6.27 9.02
CA SER A 94 -26.08 -7.67 8.62
C SER A 94 -25.48 -7.75 7.23
N ASN A 95 -25.53 -6.63 6.49
CA ASN A 95 -25.04 -6.53 5.09
C ASN A 95 -23.57 -6.78 4.93
N ALA A 96 -23.20 -7.80 4.16
CA ALA A 96 -21.79 -7.93 3.71
C ALA A 96 -21.52 -7.08 2.49
N LEU A 97 -20.36 -6.44 2.44
CA LEU A 97 -19.93 -5.72 1.22
C LEU A 97 -19.30 -6.74 0.28
N VAL A 98 -19.82 -6.83 -0.95
CA VAL A 98 -19.40 -7.82 -1.92
C VAL A 98 -18.83 -7.26 -3.24
N GLY A 99 -18.84 -5.94 -3.42
CA GLY A 99 -18.27 -5.37 -4.65
C GLY A 99 -18.42 -3.86 -4.64
N LEU A 100 -17.64 -3.17 -5.47
CA LEU A 100 -17.75 -1.73 -5.68
C LEU A 100 -17.48 -1.44 -7.13
N SER A 101 -18.07 -0.35 -7.63
CA SER A 101 -17.83 0.18 -8.99
C SER A 101 -17.91 1.67 -9.00
N THR A 102 -17.15 2.27 -9.91
CA THR A 102 -17.29 3.66 -10.29
C THR A 102 -18.63 3.77 -11.12
N CYS A 103 -19.18 4.97 -11.21
CA CYS A 103 -20.45 5.23 -11.87
C CYS A 103 -20.29 6.35 -12.86
N THR A 104 -21.08 6.29 -13.93
CA THR A 104 -21.12 7.41 -14.88
C THR A 104 -22.35 8.32 -14.61
N THR A 105 -23.44 7.70 -14.16
CA THR A 105 -24.59 8.50 -13.66
C THR A 105 -24.98 8.06 -12.24
N SER A 106 -26.16 8.48 -11.79
CA SER A 106 -26.65 8.12 -10.48
C SER A 106 -27.19 6.69 -10.59
N THR A 107 -27.52 6.26 -11.81
CA THR A 107 -28.05 4.91 -12.00
C THR A 107 -27.17 3.95 -12.77
N GLU A 108 -26.30 4.46 -13.64
CA GLU A 108 -25.46 3.61 -14.45
C GLU A 108 -24.02 3.64 -13.95
N CYS A 109 -23.47 2.46 -13.72
CA CYS A 109 -22.17 2.30 -13.09
C CYS A 109 -21.56 1.14 -13.80
N PHE A 110 -20.23 1.06 -13.76
CA PHE A 110 -19.52 0.00 -14.46
C PHE A 110 -19.65 -1.30 -13.67
N GLY A 111 -20.00 -2.40 -14.32
CA GLY A 111 -20.07 -3.64 -13.59
C GLY A 111 -21.35 -4.39 -13.82
N PRO A 112 -21.48 -5.59 -13.22
CA PRO A 112 -22.71 -6.36 -13.32
C PRO A 112 -23.84 -5.70 -12.55
N ASP A 113 -25.06 -6.09 -12.88
CA ASP A 113 -26.17 -5.77 -12.00
C ASP A 113 -26.29 -6.91 -11.02
N ARG A 114 -26.51 -6.57 -9.76
CA ARG A 114 -26.81 -7.54 -8.69
C ARG A 114 -28.25 -7.27 -8.22
N LYS A 115 -29.21 -8.03 -8.75
CA LYS A 115 -30.63 -7.88 -8.37
C LYS A 115 -31.48 -9.12 -8.62
N LYS A 116 -32.41 -9.39 -7.71
CA LYS A 116 -33.37 -10.49 -7.84
C LYS A 116 -34.05 -10.46 -9.21
N ASN A 117 -34.09 -11.61 -9.88
CA ASN A 117 -34.73 -11.75 -11.21
C ASN A 117 -36.06 -11.00 -11.39
N SER A 118 -36.05 -9.98 -12.26
CA SER A 118 -37.19 -9.06 -12.52
C SER A 118 -38.08 -8.71 -11.30
N GLU B 1 14.01 -7.30 23.80
CA GLU B 1 14.43 -5.97 23.25
C GLU B 1 13.17 -5.07 23.10
N TRP B 2 13.39 -3.75 23.14
CA TRP B 2 12.33 -2.76 23.00
C TRP B 2 12.98 -1.43 22.52
N THR B 3 12.40 -0.84 21.49
CA THR B 3 12.69 0.55 21.07
C THR B 3 13.06 1.52 22.21
N GLY B 4 12.28 1.50 23.28
CA GLY B 4 12.50 2.46 24.36
C GLY B 4 13.43 1.99 25.48
N ASP B 5 14.23 0.96 25.22
CA ASP B 5 15.26 0.51 26.15
C ASP B 5 16.18 1.70 26.48
N ALA B 6 16.67 1.74 27.71
CA ALA B 6 17.69 2.69 28.12
C ALA B 6 19.09 2.37 27.51
N ARG B 7 19.25 2.67 26.22
CA ARG B 7 20.38 2.25 25.38
C ARG B 7 20.66 3.38 24.40
N ASP B 8 21.84 3.43 23.81
CA ASP B 8 22.09 4.21 22.60
C ASP B 8 21.13 3.76 21.47
N GLY B 9 20.39 4.67 20.82
CA GLY B 9 20.20 6.08 21.16
C GLY B 9 19.08 6.67 20.31
N PHE B 11 17.94 10.39 17.89
CA PHE B 11 18.09 11.78 17.47
C PHE B 11 16.71 12.34 17.21
N SER B 12 16.44 13.46 17.87
CA SER B 12 15.14 14.12 17.80
C SER B 12 15.18 15.28 16.84
N GLY B 13 14.03 15.65 16.29
CA GLY B 13 13.91 16.83 15.42
C GLY B 13 14.67 16.69 14.13
N VAL B 14 14.79 15.46 13.62
CA VAL B 14 15.46 15.20 12.35
C VAL B 14 14.54 15.33 11.12
N VAL B 15 15.00 16.09 10.10
CA VAL B 15 14.38 15.99 8.80
C VAL B 15 15.05 14.86 7.95
N ILE B 16 14.26 13.89 7.50
CA ILE B 16 14.72 12.81 6.61
C ILE B 16 14.87 13.35 5.23
N THR B 17 16.10 13.35 4.70
CA THR B 17 16.46 14.05 3.45
C THR B 17 16.96 13.12 2.38
N GLN B 18 17.33 11.89 2.76
CA GLN B 18 17.82 10.94 1.76
C GLN B 18 17.25 9.58 2.04
N PHE B 19 17.06 8.81 0.98
CA PHE B 19 16.42 7.53 1.06
C PHE B 19 17.16 6.59 0.10
N HIS B 20 17.59 5.42 0.58
CA HIS B 20 18.26 4.42 -0.29
C HIS B 20 17.62 3.06 -0.04
N THR B 21 17.48 2.29 -1.11
CA THR B 21 16.91 0.99 -1.04
C THR B 21 17.87 0.05 -1.79
N GLY B 22 18.10 -1.13 -1.24
CA GLY B 22 18.85 -2.14 -1.95
C GLY B 22 18.61 -3.50 -1.34
N GLN B 23 19.53 -4.44 -1.60
CA GLN B 23 19.39 -5.82 -1.12
C GLN B 23 20.78 -6.29 -0.69
N ILE B 24 20.85 -7.12 0.36
CA ILE B 24 22.09 -7.80 0.74
C ILE B 24 21.71 -9.22 1.24
N ASP B 25 22.41 -10.25 0.76
CA ASP B 25 22.16 -11.62 1.23
C ASP B 25 20.71 -11.97 1.22
N ASN B 26 20.11 -11.84 0.04
CA ASN B 26 18.73 -12.23 -0.17
C ASN B 26 17.69 -11.44 0.65
N LYS B 27 18.09 -10.31 1.24
CA LYS B 27 17.18 -9.44 2.02
C LYS B 27 17.11 -7.98 1.53
N PRO B 28 15.89 -7.46 1.21
CA PRO B 28 15.78 -6.06 0.91
C PRO B 28 16.07 -5.23 2.18
N TYR B 29 16.62 -4.04 2.03
CA TYR B 29 16.76 -3.17 3.21
C TYR B 29 16.52 -1.72 2.68
N PHE B 30 16.27 -0.74 3.55
CA PHE B 30 16.35 0.67 3.15
C PHE B 30 17.22 1.40 4.16
N CYS B 31 17.73 2.55 3.76
CA CYS B 31 18.51 3.37 4.65
C CYS B 31 18.03 4.81 4.47
N ILE B 32 18.01 5.56 5.57
CA ILE B 32 17.65 6.99 5.52
C ILE B 32 18.76 7.81 6.13
N GLU B 33 18.82 9.06 5.73
CA GLU B 33 19.73 10.00 6.31
C GLU B 33 18.90 11.22 6.65
N GLY B 34 19.11 11.70 7.84
CA GLY B 34 18.45 12.90 8.27
C GLY B 34 19.46 13.87 8.84
N LYS B 35 19.08 15.14 8.81
CA LYS B 35 19.84 16.19 9.44
C LYS B 35 19.07 16.76 10.64
N GLN B 36 19.75 16.90 11.77
CA GLN B 36 19.18 17.68 12.88
C GLN B 36 19.43 19.13 12.51
N SER B 37 18.87 20.13 13.20
CA SER B 37 19.44 21.52 13.05
C SER B 37 19.36 22.32 14.32
N ALA B 38 20.39 22.30 15.18
CA ALA B 38 21.67 21.52 15.05
C ALA B 38 22.40 21.57 13.67
N GLY B 39 22.46 20.45 12.94
CA GLY B 39 23.03 20.41 11.57
C GLY B 39 23.79 19.13 11.24
N SER B 40 24.00 18.29 12.26
CA SER B 40 24.69 17.00 12.12
C SER B 40 23.77 15.92 11.52
N SER B 41 24.37 14.93 10.88
CA SER B 41 23.64 13.84 10.23
C SER B 41 23.61 12.54 11.01
N ILE B 42 22.52 11.80 10.81
CA ILE B 42 22.39 10.45 11.34
C ILE B 42 21.96 9.58 10.14
N SER B 43 22.41 8.35 10.09
CA SER B 43 21.86 7.40 9.14
C SER B 43 21.42 6.22 9.98
N ALA B 44 20.42 5.49 9.50
CA ALA B 44 19.97 4.25 10.10
C ALA B 44 19.35 3.38 8.99
N CYS B 45 19.51 2.06 9.08
CA CYS B 45 18.94 1.18 8.09
C CYS B 45 18.07 0.12 8.72
N SER B 46 17.05 -0.33 7.98
CA SER B 46 16.20 -1.42 8.39
C SER B 46 16.28 -2.50 7.33
N LYS B 48 14.81 -6.38 5.94
CA LYS B 48 13.70 -7.34 6.07
C LYS B 48 14.28 -8.68 6.58
N ASN B 49 13.56 -9.31 7.49
CA ASN B 49 13.99 -10.59 8.09
C ASN B 49 15.34 -10.50 8.79
N SER B 50 15.87 -9.31 9.10
CA SER B 50 17.13 -9.23 9.84
C SER B 50 16.93 -9.80 11.25
N SER B 51 18.02 -10.13 11.94
CA SER B 51 17.86 -10.99 13.12
C SER B 51 17.08 -10.37 14.25
N VAL B 52 17.44 -9.18 14.71
CA VAL B 52 16.81 -8.64 15.90
C VAL B 52 15.61 -7.72 15.56
N TRP B 53 15.78 -6.86 14.57
CA TRP B 53 14.85 -5.79 14.34
C TRP B 53 14.09 -5.88 13.03
N GLY B 54 14.12 -7.07 12.42
CA GLY B 54 13.53 -7.23 11.11
C GLY B 54 12.02 -7.37 11.09
N ALA B 55 11.44 -7.78 12.22
CA ALA B 55 9.99 -7.79 12.42
C ALA B 55 9.34 -6.43 12.08
N SER B 56 10.12 -5.38 12.25
CA SER B 56 9.74 -3.97 12.05
C SER B 56 9.93 -3.38 10.66
N PHE B 57 10.58 -4.12 9.78
CA PHE B 57 10.92 -3.59 8.44
C PHE B 57 9.75 -2.94 7.67
N SER B 58 8.63 -3.66 7.55
CA SER B 58 7.56 -3.16 6.69
C SER B 58 6.88 -1.89 7.25
N THR B 59 6.72 -1.79 8.58
CA THR B 59 6.11 -0.62 9.22
C THR B 59 7.04 0.58 9.14
N LEU B 60 8.30 0.35 9.45
CA LEU B 60 9.32 1.42 9.37
C LEU B 60 9.54 1.93 7.95
N TYR B 61 9.51 1.04 6.96
CA TYR B 61 9.69 1.48 5.55
C TYR B 61 8.60 2.48 5.21
N ASN B 62 7.38 2.05 5.49
CA ASN B 62 6.18 2.82 5.21
C ASN B 62 6.24 4.19 5.92
N GLN B 63 6.49 4.18 7.22
CA GLN B 63 6.58 5.39 8.08
C GLN B 63 7.72 6.37 7.63
N ALA B 64 8.92 5.83 7.42
CA ALA B 64 10.08 6.61 6.97
C ALA B 64 9.83 7.27 5.59
N LEU B 65 9.29 6.50 4.65
CA LEU B 65 8.88 7.07 3.39
C LEU B 65 7.82 8.17 3.51
N TYR B 66 6.83 7.97 4.39
CA TYR B 66 5.85 8.97 4.75
C TYR B 66 6.54 10.25 5.26
N PHE B 67 7.41 10.11 6.27
CA PHE B 67 8.07 11.28 6.85
C PHE B 67 9.08 11.91 5.88
N TYR B 68 9.70 11.11 5.02
CA TYR B 68 10.51 11.71 3.93
C TYR B 68 9.65 12.65 3.05
N THR B 69 8.45 12.19 2.73
CA THR B 69 7.53 12.91 1.90
C THR B 69 7.06 14.17 2.60
N THR B 70 6.62 14.10 3.84
CA THR B 70 6.16 15.33 4.49
C THR B 70 7.30 16.34 4.81
N GLY B 71 8.50 15.83 5.14
CA GLY B 71 9.64 16.65 5.54
C GLY B 71 9.54 17.20 6.96
N GLN B 72 8.60 16.69 7.74
CA GLN B 72 8.47 17.05 9.14
C GLN B 72 9.61 16.51 9.98
N PRO B 73 9.98 17.23 11.06
CA PRO B 73 10.99 16.76 11.96
C PRO B 73 10.50 15.55 12.78
N VAL B 74 11.32 14.50 12.88
CA VAL B 74 10.94 13.26 13.56
C VAL B 74 12.08 12.77 14.42
N ARG B 75 11.76 11.88 15.34
CA ARG B 75 12.73 11.23 16.15
C ARG B 75 13.07 9.93 15.45
N ILE B 76 14.37 9.69 15.26
CA ILE B 76 14.89 8.41 14.82
C ILE B 76 15.43 7.71 16.04
N TYR B 77 14.96 6.49 16.28
CA TYR B 77 15.51 5.61 17.29
C TYR B 77 16.39 4.61 16.56
N TYR B 78 17.61 4.38 17.09
CA TYR B 78 18.56 3.55 16.41
C TYR B 78 19.33 2.67 17.41
N GLU B 79 19.91 1.61 16.87
CA GLU B 79 20.82 0.83 17.62
C GLU B 79 22.15 0.72 16.86
N PRO B 80 23.24 1.25 17.46
CA PRO B 80 24.56 1.20 16.82
C PRO B 80 25.06 -0.24 16.69
N GLY B 81 25.90 -0.52 15.69
CA GLY B 81 26.65 -1.78 15.70
C GLY B 81 25.89 -3.03 15.28
N VAL B 82 24.71 -2.86 14.66
CA VAL B 82 23.92 -4.03 14.21
C VAL B 82 24.43 -4.61 12.90
N TRP B 83 24.68 -3.74 11.93
CA TRP B 83 25.15 -4.17 10.57
C TRP B 83 26.68 -4.33 10.66
N THR B 84 27.18 -5.44 10.12
CA THR B 84 28.60 -5.77 10.31
C THR B 84 29.40 -6.05 9.04
N TYR B 85 28.74 -6.20 7.86
CA TYR B 85 29.46 -6.37 6.58
C TYR B 85 30.29 -5.10 6.36
N PRO B 86 31.66 -5.20 6.47
CA PRO B 86 32.40 -3.92 6.40
C PRO B 86 32.16 -2.96 5.21
N PRO B 87 32.08 -3.45 3.96
CA PRO B 87 31.77 -2.45 2.91
C PRO B 87 30.41 -1.75 3.07
N PHE B 88 29.43 -2.48 3.60
CA PHE B 88 28.09 -1.94 3.94
C PHE B 88 28.19 -0.84 5.01
N VAL B 89 28.90 -1.16 6.09
CA VAL B 89 29.08 -0.23 7.21
C VAL B 89 29.82 1.00 6.73
N LYS B 90 30.84 0.81 5.89
CA LYS B 90 31.60 1.90 5.29
C LYS B 90 30.77 2.87 4.45
N ALA B 91 29.96 2.33 3.55
CA ALA B 91 29.15 3.10 2.59
C ALA B 91 27.93 3.74 3.23
N LEU B 92 27.40 3.06 4.24
CA LEU B 92 26.13 3.39 4.86
C LEU B 92 26.32 3.58 6.34
N THR B 93 25.99 2.58 7.14
CA THR B 93 26.08 2.72 8.59
C THR B 93 25.97 1.35 9.23
N SER B 94 26.32 1.22 10.52
CA SER B 94 26.02 0.01 11.30
C SER B 94 24.71 0.15 12.09
N ASN B 95 24.12 1.35 12.02
CA ASN B 95 22.96 1.68 12.86
C ASN B 95 21.74 0.98 12.34
N ALA B 96 21.04 0.28 13.22
CA ALA B 96 19.72 -0.25 12.83
C ALA B 96 18.65 0.81 13.20
N LEU B 97 17.66 0.99 12.32
CA LEU B 97 16.52 1.86 12.63
C LEU B 97 15.56 1.02 13.45
N VAL B 98 15.20 1.50 14.64
CA VAL B 98 14.40 0.67 15.55
C VAL B 98 13.08 1.32 15.97
N GLY B 99 12.82 2.52 15.51
CA GLY B 99 11.56 3.23 15.82
C GLY B 99 11.58 4.63 15.19
N LEU B 100 10.41 5.26 15.12
CA LEU B 100 10.22 6.63 14.60
C LEU B 100 9.10 7.33 15.39
N SER B 101 9.19 8.63 15.59
CA SER B 101 8.09 9.32 16.29
C SER B 101 7.92 10.67 15.69
N THR B 102 6.70 11.16 15.74
CA THR B 102 6.46 12.58 15.44
C THR B 102 7.04 13.47 16.56
N CYS B 103 7.31 14.71 16.24
CA CYS B 103 7.89 15.66 17.19
C CYS B 103 7.05 16.89 17.30
N THR B 104 7.09 17.51 18.47
CA THR B 104 6.42 18.78 18.67
C THR B 104 7.43 19.97 18.65
N THR B 105 8.65 19.75 19.13
CA THR B 105 9.78 20.70 18.95
C THR B 105 10.99 19.93 18.40
N SER B 106 12.16 20.59 18.35
CA SER B 106 13.36 19.92 17.86
C SER B 106 13.83 18.81 18.79
N THR B 107 13.33 18.82 20.02
CA THR B 107 13.72 17.85 21.04
C THR B 107 12.59 17.09 21.72
N GLU B 108 11.41 17.69 21.77
CA GLU B 108 10.23 17.05 22.38
C GLU B 108 9.43 16.28 21.32
N CYS B 109 9.32 14.96 21.46
CA CYS B 109 8.70 14.08 20.46
C CYS B 109 7.93 13.02 21.22
N PHE B 110 6.93 12.45 20.55
CA PHE B 110 6.06 11.45 21.13
C PHE B 110 6.76 10.12 21.36
N GLY B 111 6.59 9.47 22.49
CA GLY B 111 7.14 8.12 22.61
C GLY B 111 8.21 7.99 23.66
N PRO B 112 8.81 6.79 23.79
CA PRO B 112 9.81 6.66 24.82
C PRO B 112 11.09 7.47 24.55
N ASP B 113 11.88 7.62 25.60
CA ASP B 113 13.26 7.99 25.44
C ASP B 113 13.96 6.69 25.20
N ARG B 114 15.02 6.75 24.39
CA ARG B 114 15.96 5.68 24.27
C ARG B 114 17.32 6.34 24.54
N LYS B 115 17.78 6.27 25.77
CA LYS B 115 19.10 6.76 26.14
C LYS B 115 19.74 5.95 27.27
N LYS B 116 21.06 5.80 27.23
CA LYS B 116 21.80 5.19 28.36
C LYS B 116 21.55 5.94 29.67
N ASN B 117 21.35 5.19 30.75
CA ASN B 117 21.16 5.78 32.08
C ASN B 117 22.24 6.82 32.51
N GLU C 1 4.43 -18.34 -20.90
CA GLU C 1 3.62 -17.15 -21.28
C GLU C 1 4.43 -15.87 -21.05
N TRP C 2 4.12 -14.84 -21.81
CA TRP C 2 4.72 -13.57 -21.53
C TRP C 2 3.78 -12.52 -22.07
N THR C 3 3.58 -11.48 -21.26
CA THR C 3 2.94 -10.25 -21.66
C THR C 3 3.31 -9.82 -23.07
N GLY C 4 4.60 -9.92 -23.45
CA GLY C 4 5.06 -9.51 -24.77
C GLY C 4 5.03 -10.53 -25.89
N ASP C 5 4.39 -11.67 -25.67
CA ASP C 5 4.15 -12.66 -26.73
C ASP C 5 3.52 -11.99 -27.97
N ALA C 6 3.90 -12.43 -29.17
CA ALA C 6 3.29 -11.92 -30.40
C ALA C 6 1.90 -12.56 -30.58
N ARG C 7 0.90 -11.98 -29.90
CA ARG C 7 -0.46 -12.54 -29.80
C ARG C 7 -1.39 -11.38 -29.60
N ASP C 8 -2.70 -11.60 -29.72
CA ASP C 8 -3.70 -10.59 -29.36
C ASP C 8 -3.65 -10.39 -27.81
N GLY C 9 -3.59 -9.15 -27.32
CA GLY C 9 -3.56 -7.90 -28.07
C GLY C 9 -3.12 -6.79 -27.12
N PHE C 11 -3.91 -2.25 -26.42
CA PHE C 11 -4.49 -1.00 -26.87
C PHE C 11 -3.64 0.09 -26.29
N SER C 12 -3.15 0.99 -27.14
CA SER C 12 -2.26 2.05 -26.71
C SER C 12 -3.01 3.35 -26.56
N GLY C 13 -2.44 4.25 -25.72
CA GLY C 13 -3.02 5.58 -25.42
C GLY C 13 -4.44 5.56 -24.84
N VAL C 14 -4.68 4.61 -23.97
CA VAL C 14 -5.94 4.40 -23.30
C VAL C 14 -5.97 5.17 -21.97
N VAL C 15 -7.08 5.84 -21.67
CA VAL C 15 -7.26 6.48 -20.36
C VAL C 15 -8.21 5.55 -19.60
N ILE C 16 -7.77 5.07 -18.42
CA ILE C 16 -8.61 4.17 -17.61
C ILE C 16 -9.69 5.04 -16.97
N THR C 17 -10.93 4.77 -17.32
CA THR C 17 -12.05 5.63 -16.95
C THR C 17 -13.02 4.98 -15.96
N GLN C 18 -13.04 3.65 -15.86
CA GLN C 18 -13.96 2.97 -14.92
C GLN C 18 -13.24 1.83 -14.21
N PHE C 19 -13.70 1.53 -13.00
CA PHE C 19 -13.03 0.56 -12.13
C PHE C 19 -14.13 -0.25 -11.38
N HIS C 20 -14.08 -1.57 -11.42
CA HIS C 20 -15.03 -2.40 -10.66
C HIS C 20 -14.21 -3.46 -9.93
N THR C 21 -14.66 -3.83 -8.73
CA THR C 21 -14.02 -4.86 -7.97
C THR C 21 -15.12 -5.74 -7.39
N GLY C 22 -14.90 -7.05 -7.45
CA GLY C 22 -15.78 -8.00 -6.81
C GLY C 22 -15.10 -9.30 -6.45
N GLN C 23 -15.89 -10.35 -6.31
CA GLN C 23 -15.39 -11.69 -6.01
C GLN C 23 -16.22 -12.71 -6.81
N ILE C 24 -15.59 -13.79 -7.24
CA ILE C 24 -16.32 -14.92 -7.84
C ILE C 24 -15.55 -16.19 -7.48
N ASP C 25 -16.25 -17.23 -7.07
CA ASP C 25 -15.60 -18.52 -6.74
C ASP C 25 -14.44 -18.42 -5.72
N ASN C 26 -14.72 -17.70 -4.64
CA ASN C 26 -13.73 -17.43 -3.59
C ASN C 26 -12.49 -16.63 -4.06
N LYS C 27 -12.55 -15.99 -5.22
CA LYS C 27 -11.40 -15.26 -5.76
C LYS C 27 -11.70 -13.78 -5.97
N PRO C 28 -10.90 -12.87 -5.34
CA PRO C 28 -11.11 -11.47 -5.65
C PRO C 28 -10.75 -11.20 -7.13
N TYR C 29 -11.48 -10.28 -7.78
CA TYR C 29 -11.08 -9.79 -9.13
C TYR C 29 -11.33 -8.28 -9.24
N PHE C 30 -10.74 -7.65 -10.26
CA PHE C 30 -11.11 -6.28 -10.61
C PHE C 30 -11.17 -6.21 -12.14
N CYS C 31 -11.90 -5.25 -12.66
CA CYS C 31 -12.05 -5.06 -14.09
C CYS C 31 -11.89 -3.55 -14.30
N ILE C 32 -11.16 -3.17 -15.34
CA ILE C 32 -11.08 -1.74 -15.70
C ILE C 32 -11.75 -1.50 -17.06
N GLU C 33 -12.22 -0.28 -17.30
CA GLU C 33 -12.60 0.11 -18.64
C GLU C 33 -11.76 1.32 -19.01
N GLY C 34 -11.30 1.36 -20.24
CA GLY C 34 -10.56 2.51 -20.70
C GLY C 34 -11.07 2.95 -22.06
N LYS C 35 -10.79 4.20 -22.42
CA LYS C 35 -11.16 4.77 -23.73
C LYS C 35 -9.91 5.18 -24.52
N GLN C 36 -9.86 4.76 -25.77
CA GLN C 36 -8.85 5.28 -26.69
C GLN C 36 -9.25 6.65 -27.23
N SER C 37 -8.40 7.25 -28.06
CA SER C 37 -8.58 8.62 -28.61
C SER C 37 -10.01 9.09 -28.88
N ALA C 38 -10.90 8.22 -29.37
CA ALA C 38 -11.45 8.09 -30.71
C ALA C 38 -12.82 7.79 -30.05
N GLY C 39 -12.77 7.44 -28.75
CA GLY C 39 -13.95 7.28 -27.90
C GLY C 39 -14.48 5.87 -27.76
N SER C 40 -13.72 4.91 -28.28
CA SER C 40 -14.04 3.48 -28.16
C SER C 40 -13.38 2.81 -26.92
N SER C 41 -14.05 1.76 -26.41
CA SER C 41 -13.80 1.15 -25.10
C SER C 41 -13.09 -0.19 -25.18
N ILE C 42 -12.15 -0.41 -24.26
CA ILE C 42 -11.53 -1.71 -24.01
C ILE C 42 -11.79 -2.05 -22.52
N SER C 43 -12.03 -3.32 -22.23
CA SER C 43 -12.23 -3.78 -20.87
C SER C 43 -11.30 -4.98 -20.71
N ALA C 44 -10.81 -5.16 -19.50
CA ALA C 44 -9.97 -6.29 -19.16
C ALA C 44 -10.05 -6.49 -17.64
N CYS C 45 -10.13 -7.75 -17.18
CA CYS C 45 -10.14 -8.10 -15.76
C CYS C 45 -8.91 -8.91 -15.31
N SER C 46 -8.52 -8.75 -14.05
CA SER C 46 -7.52 -9.63 -13.43
C SER C 46 -8.20 -10.33 -12.24
N LYS C 48 -7.40 -12.97 -8.91
CA LYS C 48 -6.33 -13.47 -8.04
C LYS C 48 -6.33 -15.00 -8.04
N ASN C 49 -5.15 -15.60 -8.10
CA ASN C 49 -4.99 -17.07 -8.16
C ASN C 49 -5.77 -17.78 -9.29
N SER C 50 -6.16 -17.06 -10.32
CA SER C 50 -6.84 -17.67 -11.48
C SER C 50 -5.91 -18.68 -12.15
N SER C 51 -6.26 -19.03 -13.39
CA SER C 51 -5.38 -19.69 -14.32
C SER C 51 -4.03 -18.97 -14.44
N VAL C 52 -3.61 -18.67 -15.65
CA VAL C 52 -2.20 -18.39 -15.95
C VAL C 52 -1.72 -16.94 -15.64
N TRP C 53 -2.62 -15.96 -15.70
CA TRP C 53 -2.28 -14.56 -15.34
C TRP C 53 -2.58 -14.14 -13.88
N GLY C 54 -2.98 -15.11 -13.05
CA GLY C 54 -3.31 -14.87 -11.63
C GLY C 54 -2.22 -14.30 -10.71
N ALA C 55 -0.97 -14.61 -11.02
CA ALA C 55 0.19 -14.17 -10.25
C ALA C 55 0.47 -12.67 -10.35
N SER C 56 -0.09 -11.99 -11.35
CA SER C 56 0.10 -10.54 -11.50
C SER C 56 -1.04 -9.71 -10.85
N PHE C 57 -2.01 -10.36 -10.24
CA PHE C 57 -3.16 -9.69 -9.64
C PHE C 57 -2.81 -8.45 -8.78
N SER C 58 -1.88 -8.64 -7.84
CA SER C 58 -1.55 -7.58 -6.90
C SER C 58 -0.90 -6.41 -7.55
N THR C 59 0.07 -6.70 -8.43
CA THR C 59 0.82 -5.69 -9.16
C THR C 59 -0.10 -4.90 -10.12
N LEU C 60 -0.92 -5.63 -10.85
CA LEU C 60 -1.85 -5.06 -11.80
C LEU C 60 -2.89 -4.18 -11.11
N TYR C 61 -3.42 -4.67 -9.99
CA TYR C 61 -4.37 -3.91 -9.22
C TYR C 61 -3.83 -2.53 -8.80
N ASN C 62 -2.63 -2.52 -8.18
CA ASN C 62 -2.02 -1.33 -7.68
C ASN C 62 -1.69 -0.41 -8.84
N GLN C 63 -1.10 -0.97 -9.91
CA GLN C 63 -0.77 -0.18 -11.09
C GLN C 63 -2.00 0.45 -11.81
N ALA C 64 -3.03 -0.36 -12.05
CA ALA C 64 -4.28 0.12 -12.66
C ALA C 64 -4.98 1.22 -11.84
N LEU C 65 -5.03 1.04 -10.53
CA LEU C 65 -5.60 2.05 -9.66
C LEU C 65 -4.80 3.35 -9.68
N TYR C 66 -3.48 3.22 -9.68
CA TYR C 66 -2.57 4.37 -9.90
C TYR C 66 -2.93 5.16 -11.19
N PHE C 67 -2.98 4.48 -12.33
CA PHE C 67 -3.23 5.08 -13.63
C PHE C 67 -4.65 5.63 -13.76
N TYR C 68 -5.61 4.96 -13.14
CA TYR C 68 -6.95 5.53 -12.99
C TYR C 68 -6.90 6.92 -12.31
N THR C 69 -6.10 7.01 -11.24
CA THR C 69 -5.93 8.23 -10.46
C THR C 69 -5.26 9.34 -11.26
N THR C 70 -4.15 9.06 -11.96
CA THR C 70 -3.46 10.09 -12.72
C THR C 70 -4.23 10.53 -14.00
N GLY C 71 -5.04 9.62 -14.57
CA GLY C 71 -5.72 9.91 -15.82
C GLY C 71 -4.82 9.89 -17.04
N GLN C 72 -3.56 9.49 -16.84
CA GLN C 72 -2.52 9.27 -17.88
C GLN C 72 -2.95 8.32 -18.96
N PRO C 73 -2.49 8.57 -20.22
CA PRO C 73 -2.74 7.62 -21.28
C PRO C 73 -1.74 6.45 -21.14
N VAL C 74 -2.22 5.21 -21.20
CA VAL C 74 -1.44 4.00 -20.90
C VAL C 74 -1.75 2.92 -21.97
N ARG C 75 -0.90 1.90 -22.04
CA ARG C 75 -1.13 0.75 -22.89
C ARG C 75 -1.70 -0.31 -21.98
N ILE C 76 -2.80 -0.92 -22.41
CA ILE C 76 -3.40 -2.07 -21.78
C ILE C 76 -3.03 -3.28 -22.61
N TYR C 77 -2.42 -4.27 -21.95
CA TYR C 77 -2.13 -5.58 -22.55
C TYR C 77 -3.12 -6.60 -22.07
N TYR C 78 -3.73 -7.34 -23.00
CA TYR C 78 -4.84 -8.21 -22.66
C TYR C 78 -4.77 -9.55 -23.41
N GLU C 79 -5.44 -10.55 -22.90
CA GLU C 79 -5.62 -11.80 -23.60
C GLU C 79 -7.11 -12.14 -23.70
N PRO C 80 -7.64 -12.22 -24.93
CA PRO C 80 -9.09 -12.53 -25.10
C PRO C 80 -9.47 -13.97 -24.68
N GLY C 81 -10.73 -14.20 -24.36
CA GLY C 81 -11.24 -15.55 -24.13
C GLY C 81 -10.78 -16.25 -22.86
N VAL C 82 -10.14 -15.51 -21.94
CA VAL C 82 -9.62 -16.12 -20.72
C VAL C 82 -10.75 -16.46 -19.74
N TRP C 83 -11.67 -15.53 -19.52
CA TRP C 83 -12.78 -15.80 -18.59
C TRP C 83 -13.90 -16.49 -19.36
N THR C 84 -14.55 -17.47 -18.74
CA THR C 84 -15.49 -18.35 -19.47
C THR C 84 -16.93 -18.39 -18.90
N TYR C 85 -17.09 -18.12 -17.61
CA TYR C 85 -18.42 -18.08 -17.00
C TYR C 85 -19.27 -17.07 -17.79
N PRO C 86 -20.34 -17.56 -18.49
CA PRO C 86 -21.14 -16.70 -19.39
C PRO C 86 -21.78 -15.43 -18.78
N PRO C 87 -22.43 -15.52 -17.59
CA PRO C 87 -22.88 -14.29 -16.96
C PRO C 87 -21.74 -13.27 -16.70
N PHE C 88 -20.58 -13.75 -16.30
CA PHE C 88 -19.42 -12.89 -16.07
C PHE C 88 -18.95 -12.24 -17.38
N VAL C 89 -18.87 -13.05 -18.43
CA VAL C 89 -18.47 -12.56 -19.75
C VAL C 89 -19.45 -11.52 -20.30
N LYS C 90 -20.75 -11.69 -20.04
CA LYS C 90 -21.80 -10.77 -20.55
C LYS C 90 -21.77 -9.39 -19.86
N ALA C 91 -21.67 -9.42 -18.52
CA ALA C 91 -21.61 -8.22 -17.71
C ALA C 91 -20.30 -7.46 -17.92
N LEU C 92 -19.20 -8.19 -18.05
CA LEU C 92 -17.86 -7.63 -17.98
C LEU C 92 -17.11 -7.91 -19.27
N THR C 93 -16.25 -8.94 -19.29
CA THR C 93 -15.44 -9.23 -20.48
C THR C 93 -14.79 -10.60 -20.34
N SER C 94 -14.33 -11.18 -21.46
CA SER C 94 -13.54 -12.40 -21.40
C SER C 94 -12.05 -12.09 -21.30
N ASN C 95 -11.67 -10.81 -21.48
CA ASN C 95 -10.27 -10.39 -21.51
C ASN C 95 -9.58 -10.45 -20.17
N ALA C 96 -8.44 -11.12 -20.11
CA ALA C 96 -7.53 -11.00 -18.96
C ALA C 96 -6.64 -9.81 -19.19
N LEU C 97 -6.40 -9.05 -18.12
CA LEU C 97 -5.37 -8.00 -18.07
C LEU C 97 -4.02 -8.67 -17.80
N VAL C 98 -3.04 -8.38 -18.64
CA VAL C 98 -1.79 -9.10 -18.59
C VAL C 98 -0.60 -8.19 -18.49
N GLY C 99 -0.85 -6.88 -18.45
CA GLY C 99 0.23 -5.93 -18.41
C GLY C 99 -0.22 -4.48 -18.61
N LEU C 100 0.65 -3.54 -18.28
CA LEU C 100 0.36 -2.08 -18.44
C LEU C 100 1.66 -1.36 -18.67
N SER C 101 1.61 -0.22 -19.39
CA SER C 101 2.78 0.60 -19.62
C SER C 101 2.37 2.07 -19.72
N THR C 102 3.30 2.95 -19.38
CA THR C 102 3.16 4.36 -19.68
C THR C 102 3.36 4.60 -21.19
N CYS C 103 2.82 5.71 -21.69
CA CYS C 103 2.94 6.06 -23.10
C CYS C 103 3.56 7.41 -23.26
N THR C 104 4.33 7.56 -24.34
CA THR C 104 4.88 8.83 -24.73
C THR C 104 3.93 9.54 -25.73
N THR C 105 3.30 8.78 -26.62
CA THR C 105 2.24 9.37 -27.45
C THR C 105 0.98 8.49 -27.36
N SER C 106 -0.04 8.79 -28.17
CA SER C 106 -1.27 8.00 -28.11
C SER C 106 -1.02 6.60 -28.68
N THR C 107 0.12 6.42 -29.32
CA THR C 107 0.41 5.23 -30.06
C THR C 107 1.80 4.58 -29.71
N GLU C 108 2.72 5.39 -29.18
CA GLU C 108 4.05 4.96 -28.75
C GLU C 108 4.09 4.82 -27.23
N CYS C 109 4.33 3.58 -26.76
CA CYS C 109 4.33 3.26 -25.34
C CYS C 109 5.56 2.45 -24.97
N PHE C 110 5.85 2.38 -23.68
CA PHE C 110 7.02 1.67 -23.18
C PHE C 110 6.80 0.16 -23.04
N GLY C 111 7.74 -0.67 -23.41
CA GLY C 111 7.47 -2.09 -23.23
C GLY C 111 7.39 -2.83 -24.55
N PRO C 112 7.07 -4.15 -24.48
CA PRO C 112 6.94 -4.95 -25.68
C PRO C 112 5.62 -4.66 -26.42
N ASP C 113 5.60 -5.02 -27.70
CA ASP C 113 4.39 -5.12 -28.52
C ASP C 113 3.73 -6.47 -28.38
N ARG C 114 2.55 -6.51 -27.78
CA ARG C 114 1.73 -7.71 -27.83
C ARG C 114 0.81 -7.63 -29.07
N LYS C 115 1.27 -8.20 -30.18
CA LYS C 115 0.57 -8.15 -31.46
C LYS C 115 0.88 -9.41 -32.29
N LYS C 116 -0.15 -9.97 -32.93
CA LYS C 116 0.03 -11.03 -33.92
C LYS C 116 0.96 -10.55 -35.00
N ASN C 117 1.90 -11.42 -35.37
CA ASN C 117 2.76 -11.13 -36.52
C ASN C 117 1.89 -11.07 -37.77
N SER C 118 2.39 -10.42 -38.80
CA SER C 118 1.63 -10.35 -40.04
C SER C 118 2.10 -11.55 -40.86
N LEU C 119 1.34 -11.91 -41.88
CA LEU C 119 1.82 -12.87 -42.86
C LEU C 119 2.18 -12.05 -44.08
N GLU C 120 3.40 -12.22 -44.58
CA GLU C 120 3.72 -11.73 -45.94
C GLU C 120 3.02 -12.64 -46.96
N GLU D 1 25.75 -11.46 -1.86
CA GLU D 1 25.70 -10.38 -2.90
C GLU D 1 25.14 -9.11 -2.24
N TRP D 2 25.41 -7.96 -2.84
CA TRP D 2 24.96 -6.69 -2.27
C TRP D 2 24.89 -5.67 -3.39
N THR D 3 23.84 -4.83 -3.33
CA THR D 3 23.72 -3.62 -4.17
C THR D 3 25.01 -2.81 -4.33
N GLY D 4 25.77 -2.69 -3.26
CA GLY D 4 27.03 -1.97 -3.33
C GLY D 4 28.25 -2.80 -3.66
N ASP D 5 28.09 -4.02 -4.18
CA ASP D 5 29.28 -4.73 -4.72
C ASP D 5 30.01 -3.90 -5.78
N ALA D 6 31.34 -4.07 -5.82
CA ALA D 6 32.16 -3.34 -6.74
C ALA D 6 32.02 -3.92 -8.15
N ARG D 7 30.81 -3.82 -8.71
CA ARG D 7 30.44 -4.36 -10.01
C ARG D 7 29.72 -3.32 -10.88
N ASP D 8 29.45 -3.71 -12.12
CA ASP D 8 28.67 -2.90 -13.00
C ASP D 8 27.22 -3.05 -12.54
N GLY D 9 26.51 -1.98 -12.30
CA GLY D 9 27.01 -0.62 -12.38
C GLY D 9 25.88 0.25 -11.86
N PHE D 11 23.73 4.29 -12.57
CA PHE D 11 23.51 5.54 -13.29
C PHE D 11 22.97 6.56 -12.29
N SER D 12 23.62 7.72 -12.18
CA SER D 12 23.18 8.73 -11.21
C SER D 12 22.42 9.91 -11.87
N GLY D 13 21.60 10.56 -11.06
CA GLY D 13 20.88 11.75 -11.47
C GLY D 13 19.85 11.52 -12.56
N VAL D 14 19.17 10.37 -12.54
CA VAL D 14 18.20 10.08 -13.62
C VAL D 14 16.75 10.31 -13.17
N VAL D 15 15.93 10.87 -14.06
CA VAL D 15 14.51 10.99 -13.77
C VAL D 15 13.86 9.73 -14.32
N ILE D 16 13.05 9.03 -13.53
CA ILE D 16 12.34 7.85 -14.05
C ILE D 16 11.14 8.34 -14.86
N THR D 17 11.17 8.07 -16.16
CA THR D 17 10.15 8.64 -17.03
C THR D 17 9.23 7.59 -17.65
N GLN D 18 9.60 6.31 -17.64
CA GLN D 18 8.68 5.28 -18.17
C GLN D 18 8.55 4.09 -17.23
N PHE D 19 7.39 3.42 -17.26
CA PHE D 19 7.08 2.33 -16.30
C PHE D 19 6.26 1.29 -17.03
N HIS D 20 6.67 0.04 -16.94
CA HIS D 20 5.91 -1.06 -17.53
C HIS D 20 5.81 -2.18 -16.53
N THR D 21 4.65 -2.84 -16.50
CA THR D 21 4.52 -4.04 -15.73
C THR D 21 3.88 -5.20 -16.52
N GLY D 22 4.30 -6.42 -16.22
CA GLY D 22 3.80 -7.57 -16.91
C GLY D 22 4.03 -8.82 -16.14
N GLN D 23 3.92 -9.94 -16.84
CA GLN D 23 4.19 -11.26 -16.26
C GLN D 23 4.96 -12.09 -17.29
N ILE D 24 5.84 -12.96 -16.80
CA ILE D 24 6.58 -13.93 -17.64
C ILE D 24 6.87 -15.19 -16.83
N ASP D 25 6.46 -16.35 -17.35
CA ASP D 25 6.79 -17.64 -16.74
C ASP D 25 6.27 -17.69 -15.31
N ASN D 26 5.04 -17.24 -15.11
CA ASN D 26 4.36 -17.20 -13.80
C ASN D 26 4.85 -16.16 -12.76
N LYS D 27 5.72 -15.24 -13.19
CA LYS D 27 6.30 -14.23 -12.30
C LYS D 27 5.97 -12.81 -12.75
N PRO D 28 5.35 -12.00 -11.87
CA PRO D 28 5.20 -10.55 -12.20
C PRO D 28 6.55 -9.90 -12.27
N TYR D 29 6.66 -8.85 -13.09
CA TYR D 29 7.83 -8.00 -13.16
C TYR D 29 7.44 -6.57 -13.48
N PHE D 30 8.38 -5.66 -13.32
CA PHE D 30 8.21 -4.31 -13.79
C PHE D 30 9.56 -3.87 -14.33
N CYS D 31 9.51 -2.92 -15.26
CA CYS D 31 10.68 -2.26 -15.82
C CYS D 31 10.54 -0.78 -15.80
N ILE D 32 11.65 -0.10 -15.62
CA ILE D 32 11.64 1.36 -15.65
C ILE D 32 12.68 1.84 -16.64
N GLU D 33 12.46 3.04 -17.16
CA GLU D 33 13.45 3.71 -17.98
C GLU D 33 13.64 5.07 -17.42
N GLY D 34 14.90 5.49 -17.37
CA GLY D 34 15.21 6.83 -16.96
C GLY D 34 16.22 7.49 -17.87
N LYS D 35 16.13 8.81 -17.95
CA LYS D 35 17.03 9.62 -18.75
C LYS D 35 17.87 10.51 -17.82
N GLN D 36 19.15 10.63 -18.15
CA GLN D 36 20.03 11.61 -17.48
C GLN D 36 19.86 13.05 -17.95
N SER D 37 20.64 13.94 -17.32
CA SER D 37 20.76 15.35 -17.70
C SER D 37 21.22 15.42 -19.15
N ALA D 38 22.34 14.76 -19.44
CA ALA D 38 22.95 14.72 -20.78
C ALA D 38 22.13 13.95 -21.86
N GLY D 39 20.96 13.43 -21.50
CA GLY D 39 20.03 12.78 -22.47
C GLY D 39 20.17 11.28 -22.59
N SER D 40 21.32 10.76 -22.14
CA SER D 40 21.64 9.31 -22.00
C SER D 40 20.60 8.43 -21.23
N SER D 41 20.46 7.17 -21.66
CA SER D 41 19.36 6.28 -21.25
C SER D 41 19.76 5.03 -20.46
N ILE D 42 18.97 4.68 -19.44
CA ILE D 42 19.09 3.39 -18.72
C ILE D 42 17.72 2.72 -18.50
N SER D 43 17.67 1.41 -18.77
CA SER D 43 16.52 0.58 -18.41
C SER D 43 16.90 -0.52 -17.43
N ALA D 44 15.95 -0.99 -16.63
CA ALA D 44 16.20 -2.08 -15.63
C ALA D 44 14.88 -2.66 -15.16
N CYS D 45 14.85 -3.97 -15.03
CA CYS D 45 13.69 -4.70 -14.63
C CYS D 45 13.91 -5.44 -13.34
N SER D 46 12.87 -5.50 -12.53
CA SER D 46 12.86 -6.38 -11.38
C SER D 46 11.75 -7.42 -11.54
N LYS D 48 9.64 -10.72 -9.71
CA LYS D 48 9.30 -11.34 -8.44
C LYS D 48 9.81 -12.76 -8.41
N ASN D 49 10.49 -13.14 -7.33
CA ASN D 49 10.92 -14.53 -7.15
C ASN D 49 11.94 -14.99 -8.16
N SER D 50 12.51 -14.09 -8.95
CA SER D 50 13.42 -14.52 -10.00
C SER D 50 14.69 -13.77 -9.94
N SER D 51 15.76 -14.57 -10.12
CA SER D 51 17.18 -14.21 -9.95
C SER D 51 17.52 -14.15 -8.45
N VAL D 52 18.77 -13.86 -8.13
CA VAL D 52 19.20 -13.60 -6.78
C VAL D 52 18.54 -12.29 -6.25
N TRP D 53 18.13 -11.41 -7.17
CA TRP D 53 17.50 -10.14 -6.83
C TRP D 53 15.99 -10.16 -6.66
N GLY D 54 15.40 -11.34 -6.81
CA GLY D 54 13.95 -11.52 -6.62
C GLY D 54 13.35 -11.04 -5.30
N ALA D 55 14.16 -11.10 -4.23
CA ALA D 55 13.74 -10.76 -2.89
C ALA D 55 13.40 -9.31 -2.72
N SER D 56 13.95 -8.46 -3.58
CA SER D 56 13.76 -7.00 -3.54
C SER D 56 12.55 -6.50 -4.36
N PHE D 57 11.89 -7.39 -5.10
CA PHE D 57 10.81 -6.96 -6.03
C PHE D 57 9.79 -5.94 -5.43
N SER D 58 9.14 -6.30 -4.34
CA SER D 58 8.08 -5.47 -3.74
C SER D 58 8.58 -4.09 -3.27
N THR D 59 9.72 -4.07 -2.56
CA THR D 59 10.40 -2.84 -2.13
C THR D 59 10.79 -1.96 -3.30
N LEU D 60 11.40 -2.56 -4.33
CA LEU D 60 11.82 -1.82 -5.54
C LEU D 60 10.61 -1.27 -6.35
N TYR D 61 9.56 -2.07 -6.49
CA TYR D 61 8.33 -1.61 -7.18
C TYR D 61 7.73 -0.35 -6.52
N ASN D 62 7.55 -0.43 -5.22
CA ASN D 62 7.06 0.63 -4.39
C ASN D 62 7.89 1.87 -4.48
N GLN D 63 9.22 1.71 -4.41
CA GLN D 63 10.14 2.82 -4.41
C GLN D 63 10.28 3.42 -5.82
N ALA D 64 10.32 2.56 -6.83
CA ALA D 64 10.34 3.02 -8.24
C ALA D 64 9.06 3.80 -8.61
N LEU D 65 7.88 3.31 -8.25
CA LEU D 65 6.62 4.04 -8.49
C LEU D 65 6.53 5.40 -7.73
N TYR D 66 7.00 5.39 -6.47
CA TYR D 66 7.19 6.65 -5.72
C TYR D 66 8.03 7.67 -6.51
N PHE D 67 9.24 7.28 -6.94
CA PHE D 67 10.11 8.17 -7.66
C PHE D 67 9.58 8.57 -9.02
N TYR D 68 8.89 7.64 -9.68
CA TYR D 68 8.23 7.99 -10.95
C TYR D 68 7.20 9.11 -10.69
N THR D 69 6.52 9.02 -9.55
CA THR D 69 5.51 9.98 -9.17
C THR D 69 6.12 11.36 -8.84
N THR D 70 7.20 11.44 -8.05
CA THR D 70 7.81 12.76 -7.73
C THR D 70 8.56 13.40 -8.88
N GLY D 71 9.11 12.56 -9.75
CA GLY D 71 9.90 12.99 -10.86
C GLY D 71 11.29 13.46 -10.49
N GLN D 72 11.73 13.23 -9.24
CA GLN D 72 13.08 13.64 -8.77
C GLN D 72 14.18 12.78 -9.41
N PRO D 73 15.41 13.35 -9.51
CA PRO D 73 16.55 12.59 -9.98
C PRO D 73 17.01 11.62 -8.93
N VAL D 74 17.22 10.38 -9.36
CA VAL D 74 17.60 9.30 -8.49
C VAL D 74 18.80 8.53 -9.08
N ARG D 75 19.34 7.59 -8.30
CA ARG D 75 20.36 6.70 -8.81
C ARG D 75 19.74 5.34 -9.08
N ILE D 76 20.00 4.78 -10.26
CA ILE D 76 19.60 3.41 -10.60
C ILE D 76 20.81 2.51 -10.48
N TYR D 77 20.71 1.55 -9.57
CA TYR D 77 21.67 0.48 -9.48
C TYR D 77 21.18 -0.71 -10.28
N TYR D 78 22.03 -1.26 -11.13
CA TYR D 78 21.59 -2.35 -12.01
C TYR D 78 22.65 -3.43 -12.12
N GLU D 79 22.25 -4.60 -12.59
CA GLU D 79 23.18 -5.65 -12.93
C GLU D 79 22.90 -6.17 -14.36
N PRO D 80 23.80 -5.88 -15.33
CA PRO D 80 23.64 -6.34 -16.71
C PRO D 80 23.67 -7.87 -16.83
N GLY D 81 22.91 -8.44 -17.76
CA GLY D 81 23.10 -9.84 -18.16
C GLY D 81 22.24 -10.82 -17.46
N VAL D 82 21.39 -10.34 -16.56
CA VAL D 82 20.56 -11.20 -15.74
C VAL D 82 19.37 -11.84 -16.47
N TRP D 83 18.64 -11.05 -17.29
CA TRP D 83 17.48 -11.62 -18.02
C TRP D 83 18.05 -12.16 -19.35
N THR D 84 17.68 -13.40 -19.71
CA THR D 84 18.31 -14.10 -20.88
C THR D 84 17.37 -14.44 -22.07
N TYR D 85 16.05 -14.54 -21.84
CA TYR D 85 15.01 -14.82 -22.88
C TYR D 85 15.08 -13.73 -23.96
N PRO D 86 15.56 -14.10 -25.18
CA PRO D 86 15.90 -13.10 -26.19
C PRO D 86 14.78 -12.11 -26.59
N PRO D 87 13.51 -12.54 -26.71
CA PRO D 87 12.43 -11.56 -26.98
C PRO D 87 12.22 -10.57 -25.82
N PHE D 88 12.30 -11.03 -24.58
CA PHE D 88 12.29 -10.15 -23.39
C PHE D 88 13.45 -9.16 -23.47
N VAL D 89 14.68 -9.65 -23.63
CA VAL D 89 15.84 -8.78 -23.73
C VAL D 89 15.75 -7.69 -24.84
N LYS D 90 15.19 -8.07 -26.01
CA LYS D 90 15.11 -7.15 -27.18
C LYS D 90 14.07 -6.07 -26.95
N ALA D 91 12.90 -6.50 -26.48
CA ALA D 91 11.83 -5.61 -26.08
C ALA D 91 12.19 -4.66 -24.90
N LEU D 92 12.95 -5.17 -23.91
CA LEU D 92 13.17 -4.43 -22.67
C LEU D 92 14.68 -4.21 -22.36
N THR D 93 15.25 -5.10 -21.56
CA THR D 93 16.67 -4.99 -21.16
C THR D 93 17.12 -6.30 -20.55
N SER D 94 18.43 -6.52 -20.47
CA SER D 94 18.96 -7.62 -19.69
C SER D 94 19.23 -7.18 -18.23
N ASN D 95 19.26 -5.86 -17.98
CA ASN D 95 19.53 -5.28 -16.68
C ASN D 95 18.52 -5.65 -15.58
N ALA D 96 19.00 -6.28 -14.49
CA ALA D 96 18.21 -6.37 -13.26
C ALA D 96 18.33 -5.06 -12.51
N LEU D 97 17.22 -4.60 -11.92
CA LEU D 97 17.21 -3.45 -11.00
C LEU D 97 17.58 -3.99 -9.66
N VAL D 98 18.56 -3.36 -8.99
CA VAL D 98 19.10 -3.94 -7.75
C VAL D 98 19.16 -2.96 -6.57
N GLY D 99 18.78 -1.71 -6.81
CA GLY D 99 18.64 -0.74 -5.72
C GLY D 99 18.31 0.58 -6.33
N LEU D 100 18.00 1.58 -5.47
CA LEU D 100 17.62 2.95 -5.85
C LEU D 100 18.05 3.92 -4.75
N SER D 101 18.40 5.14 -5.13
CA SER D 101 18.78 6.20 -4.16
C SER D 101 18.32 7.56 -4.61
N THR D 102 18.04 8.44 -3.65
CA THR D 102 17.82 9.83 -3.90
C THR D 102 19.18 10.48 -4.21
N CYS D 103 19.17 11.62 -4.91
CA CYS D 103 20.39 12.30 -5.32
C CYS D 103 20.39 13.71 -4.82
N THR D 104 21.57 14.20 -4.43
CA THR D 104 21.79 15.60 -4.06
C THR D 104 22.22 16.46 -5.27
N THR D 105 23.06 15.92 -6.13
CA THR D 105 23.42 16.56 -7.42
C THR D 105 23.27 15.50 -8.49
N SER D 106 23.71 15.80 -9.70
CA SER D 106 23.57 14.85 -10.81
C SER D 106 24.54 13.69 -10.69
N THR D 107 25.61 13.84 -9.90
CA THR D 107 26.55 12.73 -9.68
C THR D 107 26.63 12.31 -8.19
N GLU D 108 26.26 13.20 -7.26
CA GLU D 108 26.23 12.86 -5.83
C GLU D 108 24.86 12.37 -5.33
N CYS D 109 24.78 11.08 -4.99
CA CYS D 109 23.58 10.46 -4.45
C CYS D 109 23.86 9.73 -3.14
N PHE D 110 22.79 9.37 -2.41
CA PHE D 110 22.89 8.65 -1.13
C PHE D 110 23.12 7.14 -1.40
N GLY D 111 24.08 6.52 -0.73
CA GLY D 111 24.22 5.08 -0.87
C GLY D 111 25.62 4.68 -1.29
N PRO D 112 25.85 3.36 -1.49
CA PRO D 112 27.15 2.83 -1.92
C PRO D 112 27.41 3.16 -3.39
N ASP D 113 28.67 3.14 -3.77
CA ASP D 113 29.07 3.13 -5.16
C ASP D 113 28.97 1.70 -5.65
N ARG D 114 28.40 1.49 -6.82
CA ARG D 114 28.41 0.20 -7.48
C ARG D 114 29.17 0.43 -8.79
N LYS D 115 30.49 0.31 -8.71
CA LYS D 115 31.41 0.41 -9.85
C LYS D 115 32.40 -0.77 -9.85
N LYS D 116 32.60 -1.38 -11.03
CA LYS D 116 33.69 -2.33 -11.33
C LYS D 116 35.06 -1.74 -10.91
N ASN D 117 35.85 -2.50 -10.18
CA ASN D 117 36.92 -1.95 -9.33
C ASN D 117 38.31 -1.85 -10.00
N GLU E 1 -14.52 -11.42 21.49
CA GLU E 1 -14.24 -9.98 21.78
C GLU E 1 -14.68 -9.20 20.57
N TRP E 2 -15.13 -7.97 20.79
CA TRP E 2 -15.55 -7.10 19.69
C TRP E 2 -15.30 -5.66 20.11
N THR E 3 -14.84 -4.84 19.16
CA THR E 3 -14.72 -3.40 19.31
C THR E 3 -15.92 -2.85 20.04
N GLY E 4 -17.12 -3.36 19.72
CA GLY E 4 -18.34 -2.83 20.30
C GLY E 4 -18.86 -3.48 21.58
N ASP E 5 -18.06 -4.31 22.25
CA ASP E 5 -18.50 -4.91 23.56
C ASP E 5 -18.77 -3.82 24.59
N ALA E 6 -19.62 -4.16 25.58
CA ALA E 6 -20.05 -3.18 26.58
C ALA E 6 -18.96 -3.01 27.63
N ARG E 7 -17.89 -2.30 27.25
CA ARG E 7 -16.71 -2.15 28.08
C ARG E 7 -16.09 -0.74 27.88
N ASP E 8 -15.24 -0.30 28.81
CA ASP E 8 -14.36 0.85 28.60
C ASP E 8 -13.46 0.64 27.37
N GLY E 9 -13.32 1.62 26.48
CA GLY E 9 -14.11 2.86 26.38
C GLY E 9 -13.89 3.42 24.96
N PHE E 11 -13.31 7.51 22.85
CA PHE E 11 -13.33 8.96 22.91
C PHE E 11 -13.71 9.45 21.51
N SER E 12 -14.62 10.43 21.41
CA SER E 12 -15.14 10.93 20.14
C SER E 12 -14.70 12.34 19.83
N GLY E 13 -14.62 12.70 18.56
CA GLY E 13 -14.18 14.04 18.17
C GLY E 13 -12.71 14.30 18.45
N VAL E 14 -11.88 13.26 18.36
CA VAL E 14 -10.44 13.33 18.61
C VAL E 14 -9.65 13.52 17.29
N VAL E 15 -8.77 14.52 17.25
CA VAL E 15 -7.80 14.68 16.17
C VAL E 15 -6.52 13.97 16.59
N ILE E 16 -6.05 13.05 15.75
CA ILE E 16 -4.85 12.29 16.02
C ILE E 16 -3.69 13.19 15.67
N THR E 17 -2.94 13.58 16.69
CA THR E 17 -1.89 14.59 16.55
C THR E 17 -0.47 14.05 16.69
N GLN E 18 -0.30 12.87 17.31
CA GLN E 18 1.05 12.28 17.50
C GLN E 18 1.05 10.82 17.05
N PHE E 19 2.21 10.36 16.58
CA PHE E 19 2.34 9.01 16.00
C PHE E 19 3.73 8.50 16.32
N HIS E 20 3.78 7.28 16.82
CA HIS E 20 5.04 6.58 17.17
C HIS E 20 4.96 5.14 16.72
N THR E 21 6.08 4.61 16.24
CA THR E 21 6.23 3.24 15.87
C THR E 21 7.53 2.63 16.38
N GLY E 22 7.47 1.41 16.90
CA GLY E 22 8.69 0.72 17.23
C GLY E 22 8.46 -0.76 17.27
N GLN E 23 9.19 -1.44 18.16
CA GLN E 23 9.18 -2.92 18.25
C GLN E 23 9.50 -3.25 19.70
N ILE E 24 8.77 -4.21 20.24
CA ILE E 24 9.05 -4.81 21.53
C ILE E 24 8.81 -6.34 21.40
N ASP E 25 9.70 -7.13 22.00
CA ASP E 25 9.61 -8.61 21.99
C ASP E 25 9.35 -9.19 20.62
N ASN E 26 10.08 -8.68 19.64
CA ASN E 26 9.98 -9.13 18.24
C ASN E 26 8.65 -8.84 17.52
N LYS E 27 7.86 -7.90 18.03
CA LYS E 27 6.59 -7.50 17.42
C LYS E 27 6.58 -5.97 17.21
N PRO E 28 6.33 -5.54 15.97
CA PRO E 28 6.12 -4.12 15.69
C PRO E 28 4.86 -3.66 16.39
N TYR E 29 4.82 -2.38 16.78
CA TYR E 29 3.66 -1.74 17.37
C TYR E 29 3.66 -0.29 16.91
N PHE E 30 2.50 0.35 16.98
CA PHE E 30 2.45 1.80 16.83
C PHE E 30 1.55 2.34 17.94
N CYS E 31 1.71 3.63 18.24
CA CYS E 31 0.88 4.36 19.19
C CYS E 31 0.40 5.66 18.62
N ILE E 32 -0.78 6.08 19.01
CA ILE E 32 -1.26 7.37 18.56
C ILE E 32 -1.71 8.16 19.80
N GLU E 33 -1.72 9.48 19.70
CA GLU E 33 -2.24 10.31 20.76
C GLU E 33 -3.12 11.32 20.07
N GLY E 34 -4.23 11.66 20.72
CA GLY E 34 -5.02 12.80 20.30
C GLY E 34 -5.73 13.53 21.41
N LYS E 35 -6.34 14.67 21.06
CA LYS E 35 -7.13 15.50 21.97
C LYS E 35 -8.48 15.92 21.38
N GLN E 36 -9.44 16.06 22.30
CA GLN E 36 -10.63 16.94 22.24
C GLN E 36 -11.93 16.18 22.60
N SER E 37 -13.06 16.86 22.81
CA SER E 37 -13.21 18.34 22.69
C SER E 37 -12.74 19.16 23.91
N ALA E 38 -13.04 18.67 25.12
CA ALA E 38 -12.49 19.23 26.37
C ALA E 38 -11.02 19.59 26.21
N GLY E 39 -10.20 18.61 25.83
CA GLY E 39 -8.78 18.87 25.63
C GLY E 39 -7.95 17.88 26.39
N SER E 40 -8.65 16.93 27.02
CA SER E 40 -7.99 15.78 27.65
C SER E 40 -7.42 14.83 26.57
N SER E 41 -6.17 14.42 26.78
CA SER E 41 -5.44 13.42 25.98
C SER E 41 -6.11 12.04 25.97
N ILE E 42 -5.93 11.32 24.84
CA ILE E 42 -6.06 9.88 24.81
C ILE E 42 -4.91 9.26 24.00
N SER E 43 -4.27 8.25 24.58
CA SER E 43 -3.27 7.42 23.91
C SER E 43 -3.76 6.01 23.78
N ALA E 44 -3.38 5.34 22.67
CA ALA E 44 -3.63 3.89 22.50
C ALA E 44 -2.58 3.27 21.53
N CYS E 45 -2.16 2.04 21.81
CA CYS E 45 -1.20 1.32 20.96
C CYS E 45 -1.81 0.04 20.38
N SER E 46 -1.36 -0.31 19.18
CA SER E 46 -1.70 -1.55 18.59
C SER E 46 -0.39 -2.27 18.29
N LYS E 48 1.42 -5.85 16.66
CA LYS E 48 1.18 -7.02 15.81
C LYS E 48 1.35 -8.35 16.57
N ASN E 49 0.46 -9.30 16.33
CA ASN E 49 0.59 -10.65 16.88
C ASN E 49 0.52 -10.74 18.39
N SER E 50 0.02 -9.72 19.06
CA SER E 50 -0.34 -9.89 20.45
C SER E 50 -1.55 -10.86 20.57
N SER E 51 -1.83 -11.27 21.81
CA SER E 51 -2.90 -12.25 22.03
C SER E 51 -4.28 -11.81 21.56
N VAL E 52 -4.73 -10.60 21.94
CA VAL E 52 -6.18 -10.30 21.76
C VAL E 52 -6.55 -9.41 20.55
N TRP E 53 -5.93 -8.25 20.46
CA TRP E 53 -6.25 -7.27 19.43
C TRP E 53 -5.17 -7.22 18.36
N GLY E 54 -4.27 -8.20 18.37
CA GLY E 54 -3.12 -8.21 17.49
C GLY E 54 -3.47 -8.38 16.02
N ALA E 55 -4.62 -9.01 15.79
CA ALA E 55 -5.03 -9.35 14.43
C ALA E 55 -5.37 -8.10 13.62
N SER E 56 -5.77 -7.01 14.30
CA SER E 56 -6.14 -5.80 13.58
C SER E 56 -5.01 -4.77 13.43
N PHE E 57 -3.80 -5.14 13.82
CA PHE E 57 -2.66 -4.22 13.73
C PHE E 57 -2.53 -3.50 12.37
N SER E 58 -2.55 -4.26 11.27
CA SER E 58 -2.20 -3.64 9.98
C SER E 58 -3.32 -2.78 9.39
N THR E 59 -4.57 -3.15 9.67
CA THR E 59 -5.70 -2.34 9.33
C THR E 59 -5.71 -1.05 10.13
N LEU E 60 -5.53 -1.12 11.45
CA LEU E 60 -5.54 0.10 12.26
C LEU E 60 -4.33 1.02 11.97
N TYR E 61 -3.19 0.43 11.64
CA TYR E 61 -2.02 1.21 11.30
C TYR E 61 -2.37 2.06 10.11
N ASN E 62 -2.92 1.39 9.10
CA ASN E 62 -3.27 2.00 7.85
C ASN E 62 -4.25 3.13 8.09
N GLN E 63 -5.33 2.82 8.82
CA GLN E 63 -6.41 3.75 9.10
C GLN E 63 -5.96 4.93 9.97
N ALA E 64 -5.20 4.65 11.02
CA ALA E 64 -4.66 5.67 11.90
C ALA E 64 -3.74 6.70 11.18
N LEU E 65 -2.86 6.18 10.32
CA LEU E 65 -2.00 7.05 9.54
C LEU E 65 -2.83 7.90 8.57
N TYR E 66 -3.85 7.27 7.97
CA TYR E 66 -4.78 7.97 7.11
C TYR E 66 -5.42 9.14 7.87
N PHE E 67 -5.97 8.90 9.07
CA PHE E 67 -6.60 9.94 9.85
C PHE E 67 -5.60 10.95 10.45
N TYR E 68 -4.41 10.48 10.84
CA TYR E 68 -3.32 11.44 11.15
C TYR E 68 -3.09 12.45 10.00
N THR E 69 -3.15 11.95 8.78
CA THR E 69 -2.94 12.73 7.58
C THR E 69 -4.06 13.76 7.24
N THR E 70 -5.33 13.33 7.27
CA THR E 70 -6.46 14.23 7.05
C THR E 70 -6.66 15.21 8.22
N GLY E 71 -6.27 14.80 9.41
CA GLY E 71 -6.51 15.62 10.60
C GLY E 71 -8.00 15.72 11.01
N GLN E 72 -8.85 14.88 10.43
CA GLN E 72 -10.27 14.90 10.77
C GLN E 72 -10.51 14.36 12.19
N PRO E 73 -11.57 14.86 12.86
CA PRO E 73 -11.97 14.32 14.17
C PRO E 73 -12.57 12.93 14.02
N VAL E 74 -12.05 12.01 14.81
CA VAL E 74 -12.47 10.60 14.75
C VAL E 74 -12.78 10.06 16.14
N ARG E 75 -13.28 8.84 16.16
CA ARG E 75 -13.52 8.13 17.38
C ARG E 75 -12.46 7.10 17.58
N ILE E 76 -11.86 7.11 18.78
CA ILE E 76 -10.87 6.14 19.16
C ILE E 76 -11.46 5.13 20.15
N TYR E 77 -11.45 3.85 19.79
CA TYR E 77 -11.93 2.77 20.65
C TYR E 77 -10.71 2.16 21.29
N TYR E 78 -10.72 2.00 22.62
CA TYR E 78 -9.54 1.45 23.32
C TYR E 78 -9.95 0.40 24.36
N GLU E 79 -8.99 -0.42 24.81
CA GLU E 79 -9.20 -1.33 25.96
C GLU E 79 -8.05 -1.02 26.96
N PRO E 80 -8.36 -0.37 28.10
CA PRO E 80 -7.26 -0.13 29.03
C PRO E 80 -6.72 -1.43 29.66
N GLY E 81 -5.49 -1.39 30.17
CA GLY E 81 -4.95 -2.49 30.96
C GLY E 81 -4.39 -3.63 30.15
N VAL E 82 -4.30 -3.45 28.83
CA VAL E 82 -3.79 -4.52 27.97
C VAL E 82 -2.25 -4.61 28.00
N TRP E 83 -1.56 -3.47 27.92
CA TRP E 83 -0.10 -3.57 27.97
C TRP E 83 0.34 -3.48 29.43
N THR E 84 1.25 -4.38 29.82
CA THR E 84 1.62 -4.58 31.23
C THR E 84 3.12 -4.40 31.50
N TYR E 85 3.95 -4.44 30.45
CA TYR E 85 5.40 -4.16 30.64
C TYR E 85 5.55 -2.75 31.22
N PRO E 86 6.07 -2.63 32.47
CA PRO E 86 6.03 -1.32 33.14
C PRO E 86 6.72 -0.12 32.46
N PRO E 87 7.94 -0.27 31.94
CA PRO E 87 8.55 0.89 31.27
C PRO E 87 7.80 1.27 29.99
N PHE E 88 7.13 0.31 29.35
CA PHE E 88 6.30 0.61 28.14
C PHE E 88 5.10 1.40 28.57
N VAL E 89 4.38 0.91 29.58
CA VAL E 89 3.24 1.63 30.13
C VAL E 89 3.56 3.05 30.57
N LYS E 90 4.73 3.23 31.20
CA LYS E 90 5.18 4.50 31.75
C LYS E 90 5.45 5.47 30.61
N ALA E 91 6.19 4.99 29.59
CA ALA E 91 6.49 5.80 28.41
C ALA E 91 5.27 6.12 27.57
N LEU E 92 4.40 5.13 27.40
CA LEU E 92 3.35 5.21 26.41
C LEU E 92 1.97 5.08 27.04
N THR E 93 1.46 3.85 27.15
CA THR E 93 0.10 3.63 27.64
C THR E 93 -0.17 2.16 27.80
N SER E 94 -1.06 1.82 28.73
CA SER E 94 -1.60 0.45 28.81
C SER E 94 -2.75 0.21 27.80
N ASN E 95 -3.31 1.28 27.24
CA ASN E 95 -4.47 1.16 26.34
C ASN E 95 -4.14 0.46 25.04
N ALA E 96 -4.92 -0.56 24.67
CA ALA E 96 -4.86 -1.12 23.32
C ALA E 96 -5.81 -0.31 22.44
N LEU E 97 -5.38 0.01 21.24
CA LEU E 97 -6.24 0.55 20.20
C LEU E 97 -7.02 -0.59 19.55
N VAL E 98 -8.35 -0.42 19.50
CA VAL E 98 -9.24 -1.52 19.20
C VAL E 98 -10.23 -1.18 18.07
N GLY E 99 -10.23 0.07 17.63
CA GLY E 99 -11.11 0.44 16.55
C GLY E 99 -11.06 1.93 16.25
N LEU E 100 -11.57 2.31 15.09
CA LEU E 100 -11.50 3.73 14.65
C LEU E 100 -12.72 3.97 13.82
N SER E 101 -13.31 5.16 14.02
CA SER E 101 -14.42 5.63 13.17
C SER E 101 -14.32 7.08 12.75
N THR E 102 -14.91 7.42 11.62
CA THR E 102 -15.19 8.81 11.27
C THR E 102 -16.31 9.34 12.14
N CYS E 103 -16.40 10.67 12.27
CA CYS E 103 -17.43 11.30 13.13
C CYS E 103 -18.25 12.29 12.35
N THR E 104 -19.53 12.43 12.70
CA THR E 104 -20.32 13.51 12.10
C THR E 104 -20.39 14.76 12.99
N THR E 105 -20.33 14.57 14.29
CA THR E 105 -20.16 15.66 15.25
C THR E 105 -19.06 15.25 16.28
N SER E 106 -18.74 16.15 17.22
CA SER E 106 -17.79 15.83 18.29
C SER E 106 -18.19 14.64 19.19
N THR E 107 -19.50 14.33 19.22
CA THR E 107 -20.04 13.23 20.03
C THR E 107 -20.63 12.05 19.23
N GLU E 108 -21.00 12.26 17.97
CA GLU E 108 -21.66 11.21 17.16
C GLU E 108 -20.74 10.74 16.05
N CYS E 109 -20.43 9.46 16.09
CA CYS E 109 -19.50 8.87 15.14
C CYS E 109 -20.08 7.57 14.62
N PHE E 110 -19.54 7.10 13.49
CA PHE E 110 -20.05 5.91 12.82
C PHE E 110 -19.63 4.62 13.54
N GLY E 111 -20.57 3.72 13.82
CA GLY E 111 -20.22 2.45 14.42
C GLY E 111 -20.73 2.28 15.84
N PRO E 112 -20.27 1.21 16.50
CA PRO E 112 -20.85 0.89 17.79
C PRO E 112 -20.48 1.87 18.92
N ASP E 113 -21.25 1.82 20.00
CA ASP E 113 -20.79 2.35 21.26
C ASP E 113 -19.93 1.28 21.89
N ARG E 114 -18.84 1.70 22.53
CA ARG E 114 -18.07 0.82 23.35
C ARG E 114 -18.13 1.54 24.70
N LYS E 115 -19.00 1.05 25.58
CA LYS E 115 -19.30 1.71 26.82
C LYS E 115 -19.85 0.69 27.81
N LYS E 116 -19.37 0.75 29.06
CA LYS E 116 -19.87 -0.11 30.15
C LYS E 116 -21.38 -0.03 30.39
#